data_3KTZ
#
_entry.id   3KTZ
#
_cell.length_a   48.373
_cell.length_b   44.395
_cell.length_c   137.270
_cell.angle_alpha   90.000
_cell.angle_beta   98.380
_cell.angle_gamma   90.000
#
_symmetry.space_group_name_H-M   'P 1 21 1'
#
loop_
_entity.id
_entity.type
_entity.pdbx_description
1 polymer 'Ribosome-inactivating protein gelonin'
2 non-polymer 2-acetamido-2-deoxy-beta-D-glucopyranose
3 water water
#
_entity_poly.entity_id   1
_entity_poly.type   'polypeptide(L)'
_entity_poly.pdbx_seq_one_letter_code
;GLDTVSFSTKGATYITYVNFLNELRVKLKPEGNSHGIPLLRKKCDDPGKCFVLVALSNDNGQLAEIAIDVTSVYVVGYQV
RNRSYFFKDAPDAAYEGLFKNTIKTRLHFGGSYPSLEGEKAYRETTDLGIEPLRIGIKKLDENAIDNYKPTEIASSLLVV
IQMVSEAARFTFIENQIRNNFQQRIRPANNTISLENKWGKLSFQIRTSGANGMFSEAVELERANGKKYYVTAVDQVKPKI
ALLKFVDKDPK
;
_entity_poly.pdbx_strand_id   A,B
#
# COMPACT_ATOMS: atom_id res chain seq x y z
N GLY A 1 7.61 28.21 5.24
CA GLY A 1 6.49 27.56 6.01
C GLY A 1 6.04 26.30 5.31
N LEU A 2 6.98 25.39 5.12
CA LEU A 2 6.72 24.14 4.43
C LEU A 2 6.54 22.95 5.37
N ASP A 3 5.82 21.94 4.91
CA ASP A 3 5.64 20.74 5.70
C ASP A 3 6.93 19.96 5.49
N THR A 4 7.26 19.09 6.42
CA THR A 4 8.48 18.32 6.30
C THR A 4 8.23 16.86 6.67
N VAL A 5 8.96 15.96 6.04
CA VAL A 5 8.81 14.54 6.31
C VAL A 5 10.22 13.94 6.36
N SER A 6 10.47 13.08 7.33
CA SER A 6 11.79 12.48 7.44
C SER A 6 11.79 10.99 7.16
N PHE A 7 12.92 10.52 6.64
CA PHE A 7 13.10 9.10 6.44
C PHE A 7 14.56 8.77 6.67
N SER A 8 14.82 7.94 7.66
CA SER A 8 16.18 7.55 7.99
C SER A 8 16.38 6.12 7.54
N THR A 9 17.54 5.84 6.96
CA THR A 9 17.84 4.49 6.50
C THR A 9 18.34 3.62 7.65
N LYS A 10 18.76 4.26 8.75
CA LYS A 10 19.26 3.49 9.89
C LYS A 10 18.14 2.72 10.57
N GLY A 11 18.24 1.39 10.55
CA GLY A 11 17.22 0.57 11.15
C GLY A 11 15.92 0.63 10.38
N ALA A 12 15.98 1.12 9.14
CA ALA A 12 14.81 1.23 8.30
C ALA A 12 14.27 -0.15 7.95
N THR A 13 12.96 -0.24 7.79
CA THR A 13 12.29 -1.50 7.43
C THR A 13 11.25 -1.19 6.38
N TYR A 14 10.71 -2.23 5.75
CA TYR A 14 9.69 -2.04 4.73
C TYR A 14 8.52 -1.26 5.32
N ILE A 15 8.30 -1.42 6.63
CA ILE A 15 7.22 -0.73 7.32
C ILE A 15 7.53 0.77 7.53
N THR A 16 8.74 1.09 7.95
CA THR A 16 9.06 2.51 8.15
C THR A 16 8.97 3.24 6.80
N TYR A 17 9.35 2.55 5.73
CA TYR A 17 9.32 3.11 4.38
C TYR A 17 7.88 3.39 3.93
N VAL A 18 7.00 2.42 4.13
CA VAL A 18 5.59 2.59 3.75
C VAL A 18 4.91 3.69 4.57
N ASN A 19 5.20 3.73 5.87
CA ASN A 19 4.60 4.76 6.71
C ASN A 19 5.10 6.13 6.25
N PHE A 20 6.36 6.21 5.84
CA PHE A 20 6.96 7.45 5.35
C PHE A 20 6.19 7.93 4.11
N LEU A 21 5.99 7.02 3.15
CA LEU A 21 5.26 7.39 1.92
C LEU A 21 3.86 7.89 2.23
N ASN A 22 3.16 7.26 3.17
CA ASN A 22 1.82 7.70 3.49
C ASN A 22 1.80 9.04 4.22
N GLU A 23 2.88 9.35 4.93
CA GLU A 23 2.97 10.63 5.60
C GLU A 23 3.19 11.69 4.51
N LEU A 24 4.03 11.37 3.54
CA LEU A 24 4.31 12.29 2.45
C LEU A 24 3.04 12.54 1.63
N ARG A 25 2.30 11.46 1.33
CA ARG A 25 1.07 11.57 0.56
C ARG A 25 0.08 12.51 1.23
N VAL A 26 0.06 12.50 2.56
CA VAL A 26 -0.82 13.38 3.31
C VAL A 26 -0.35 14.83 3.27
N LYS A 27 0.95 15.04 3.49
CA LYS A 27 1.50 16.39 3.50
C LYS A 27 1.52 17.10 2.15
N LEU A 28 1.34 16.34 1.08
CA LEU A 28 1.28 16.94 -0.25
C LEU A 28 -0.09 17.65 -0.34
N LYS A 29 -0.95 17.34 0.62
CA LYS A 29 -2.29 17.91 0.73
C LYS A 29 -3.11 17.95 -0.56
N PRO A 30 -3.46 16.78 -1.11
CA PRO A 30 -4.27 16.80 -2.34
C PRO A 30 -5.64 17.40 -2.02
N GLU A 31 -6.33 17.91 -3.02
CA GLU A 31 -7.65 18.49 -2.80
C GLU A 31 -8.70 17.77 -3.63
N GLY A 32 -9.62 17.11 -2.95
CA GLY A 32 -10.65 16.40 -3.66
C GLY A 32 -10.12 15.08 -4.17
N ASN A 33 -10.84 14.48 -5.10
CA ASN A 33 -10.45 13.20 -5.64
C ASN A 33 -11.14 13.00 -6.97
N SER A 34 -10.72 11.98 -7.70
CA SER A 34 -11.37 11.65 -8.96
C SER A 34 -11.63 10.15 -8.85
N HIS A 35 -12.90 9.76 -8.82
CA HIS A 35 -13.27 8.36 -8.71
C HIS A 35 -12.71 7.72 -7.43
N GLY A 36 -12.50 8.56 -6.42
CA GLY A 36 -11.99 8.06 -5.15
C GLY A 36 -10.50 8.20 -4.94
N ILE A 37 -9.76 8.48 -6.02
CA ILE A 37 -8.32 8.63 -5.94
C ILE A 37 -7.96 10.08 -5.61
N PRO A 38 -7.16 10.31 -4.56
CA PRO A 38 -6.77 11.67 -4.18
C PRO A 38 -6.22 12.42 -5.38
N LEU A 39 -6.70 13.65 -5.56
CA LEU A 39 -6.29 14.51 -6.66
C LEU A 39 -5.39 15.65 -6.18
N LEU A 40 -4.17 15.71 -6.71
CA LEU A 40 -3.23 16.75 -6.30
C LEU A 40 -3.73 18.13 -6.73
N ARG A 41 -3.29 19.16 -6.01
CA ARG A 41 -3.69 20.52 -6.34
C ARG A 41 -3.23 20.91 -7.75
N LYS A 42 -4.09 21.61 -8.46
CA LYS A 42 -3.83 22.05 -9.82
C LYS A 42 -2.71 23.11 -9.88
N LYS A 43 -2.80 24.10 -9.00
CA LYS A 43 -1.81 25.16 -8.97
C LYS A 43 -1.38 25.49 -7.56
N CYS A 44 -0.12 25.90 -7.41
CA CYS A 44 0.43 26.25 -6.12
C CYS A 44 1.77 26.95 -6.40
N ASP A 45 1.66 28.22 -6.77
CA ASP A 45 2.79 29.07 -7.13
C ASP A 45 3.80 29.42 -6.02
N ASP A 46 3.29 29.91 -4.90
CA ASP A 46 4.11 30.33 -3.76
C ASP A 46 5.11 29.27 -3.23
N PRO A 47 6.41 29.48 -3.51
CA PRO A 47 7.46 28.55 -3.06
C PRO A 47 7.47 28.38 -1.55
N GLY A 48 6.84 29.33 -0.86
CA GLY A 48 6.80 29.31 0.60
C GLY A 48 5.81 28.35 1.24
N LYS A 49 5.07 27.60 0.43
CA LYS A 49 4.11 26.65 0.98
C LYS A 49 3.68 25.62 -0.06
N CYS A 50 4.40 25.60 -1.18
CA CYS A 50 4.09 24.68 -2.27
C CYS A 50 5.12 23.57 -2.46
N PHE A 51 5.95 23.38 -1.45
CA PHE A 51 6.96 22.34 -1.48
C PHE A 51 6.96 21.61 -0.15
N VAL A 52 7.24 20.31 -0.20
CA VAL A 52 7.35 19.51 1.01
C VAL A 52 8.83 19.12 1.05
N LEU A 53 9.46 19.34 2.20
CA LEU A 53 10.86 18.97 2.34
C LEU A 53 10.99 17.57 2.90
N VAL A 54 11.70 16.71 2.17
CA VAL A 54 11.92 15.34 2.62
C VAL A 54 13.37 15.22 3.08
N ALA A 55 13.56 14.98 4.38
CA ALA A 55 14.89 14.84 4.95
C ALA A 55 15.34 13.38 4.92
N LEU A 56 16.24 13.08 3.99
CA LEU A 56 16.78 11.73 3.82
C LEU A 56 18.12 11.66 4.51
N SER A 57 18.27 10.73 5.45
CA SER A 57 19.53 10.59 6.16
C SER A 57 19.93 9.12 6.23
N ASN A 58 21.22 8.83 6.08
CA ASN A 58 21.61 7.44 6.14
C ASN A 58 22.21 7.06 7.48
N ASP A 59 22.71 5.82 7.55
CA ASP A 59 23.30 5.30 8.77
C ASP A 59 24.48 6.13 9.27
N ASN A 60 25.23 6.72 8.36
CA ASN A 60 26.38 7.54 8.73
C ASN A 60 25.97 8.93 9.19
N GLY A 61 24.69 9.25 9.06
CA GLY A 61 24.23 10.56 9.49
C GLY A 61 24.20 11.59 8.40
N GLN A 62 24.73 11.25 7.22
CA GLN A 62 24.70 12.18 6.09
C GLN A 62 23.25 12.53 5.78
N LEU A 63 23.00 13.80 5.55
CA LEU A 63 21.66 14.31 5.30
C LEU A 63 21.48 15.02 3.96
N ALA A 64 20.36 14.73 3.29
CA ALA A 64 20.02 15.35 2.03
C ALA A 64 18.56 15.75 2.13
N GLU A 65 18.28 17.05 2.02
CA GLU A 65 16.92 17.54 2.11
C GLU A 65 16.39 17.88 0.72
N ILE A 66 15.45 17.05 0.27
CA ILE A 66 14.84 17.14 -1.04
C ILE A 66 13.57 17.98 -1.08
N ALA A 67 13.52 18.93 -2.01
CA ALA A 67 12.33 19.77 -2.16
C ALA A 67 11.42 19.10 -3.20
N ILE A 68 10.19 18.81 -2.80
CA ILE A 68 9.23 18.14 -3.67
C ILE A 68 7.99 19.00 -3.93
N ASP A 69 7.74 19.23 -5.22
CA ASP A 69 6.61 20.01 -5.70
C ASP A 69 5.28 19.35 -5.29
N VAL A 70 4.37 20.11 -4.67
CA VAL A 70 3.09 19.52 -4.23
C VAL A 70 2.05 19.27 -5.34
N THR A 71 2.31 19.78 -6.54
CA THR A 71 1.37 19.57 -7.62
C THR A 71 1.78 18.40 -8.52
N SER A 72 3.07 18.09 -8.53
CA SER A 72 3.58 17.01 -9.37
C SER A 72 4.37 15.95 -8.62
N VAL A 73 4.72 16.25 -7.37
CA VAL A 73 5.51 15.36 -6.52
C VAL A 73 6.91 15.22 -7.10
N TYR A 74 7.31 16.15 -7.96
CA TYR A 74 8.67 16.01 -8.50
C TYR A 74 9.71 16.79 -7.71
N VAL A 75 10.93 16.24 -7.77
CA VAL A 75 12.08 16.81 -7.10
C VAL A 75 12.59 18.01 -7.94
N VAL A 76 12.72 19.18 -7.33
CA VAL A 76 13.21 20.35 -8.06
C VAL A 76 14.64 20.68 -7.64
N GLY A 77 15.02 20.23 -6.44
CA GLY A 77 16.35 20.51 -5.94
C GLY A 77 16.54 19.96 -4.54
N TYR A 78 17.71 20.18 -3.97
CA TYR A 78 18.00 19.67 -2.64
C TYR A 78 19.14 20.42 -1.95
N GLN A 79 19.22 20.24 -0.64
CA GLN A 79 20.27 20.86 0.15
C GLN A 79 21.10 19.79 0.87
N VAL A 80 22.41 19.97 0.82
CA VAL A 80 23.34 19.10 1.51
C VAL A 80 24.33 20.06 2.17
N ARG A 81 24.56 19.87 3.46
CA ARG A 81 25.46 20.75 4.20
C ARG A 81 24.94 22.18 4.05
N ASN A 82 25.79 23.11 3.61
CA ASN A 82 25.36 24.51 3.44
C ASN A 82 25.23 24.86 1.98
N ARG A 83 24.99 23.85 1.15
CA ARG A 83 24.85 24.03 -0.28
C ARG A 83 23.52 23.51 -0.79
N SER A 84 23.07 24.07 -1.91
CA SER A 84 21.82 23.63 -2.52
C SER A 84 22.05 23.52 -4.03
N TYR A 85 21.40 22.53 -4.64
CA TYR A 85 21.53 22.29 -6.07
C TYR A 85 20.13 22.16 -6.66
N PHE A 86 19.92 22.75 -7.83
CA PHE A 86 18.63 22.70 -8.50
C PHE A 86 18.77 22.16 -9.93
N PHE A 87 17.75 21.45 -10.38
CA PHE A 87 17.76 20.94 -11.74
C PHE A 87 17.76 22.15 -12.68
N LYS A 88 18.34 22.00 -13.86
CA LYS A 88 18.42 23.11 -14.80
C LYS A 88 17.04 23.68 -15.12
N ASP A 89 16.02 22.82 -15.09
CA ASP A 89 14.66 23.24 -15.41
C ASP A 89 13.77 23.68 -14.22
N ALA A 90 14.35 23.83 -13.04
CA ALA A 90 13.58 24.28 -11.89
C ALA A 90 13.15 25.72 -12.17
N PRO A 91 11.87 26.06 -11.93
CA PRO A 91 11.46 27.45 -12.19
C PRO A 91 12.18 28.47 -11.32
N ASP A 92 12.25 29.71 -11.83
CA ASP A 92 12.92 30.79 -11.11
C ASP A 92 12.41 31.02 -9.69
N ALA A 93 11.10 31.04 -9.53
CA ALA A 93 10.50 31.25 -8.21
C ALA A 93 11.00 30.23 -7.20
N ALA A 94 11.15 28.98 -7.62
CA ALA A 94 11.62 27.92 -6.74
C ALA A 94 13.11 28.09 -6.44
N TYR A 95 13.89 28.36 -7.49
CA TYR A 95 15.32 28.53 -7.35
C TYR A 95 15.65 29.65 -6.35
N GLU A 96 14.91 30.75 -6.44
CA GLU A 96 15.13 31.89 -5.56
C GLU A 96 14.50 31.71 -4.18
N GLY A 97 13.32 31.10 -4.14
CA GLY A 97 12.62 30.92 -2.88
C GLY A 97 13.00 29.80 -1.95
N LEU A 98 13.54 28.72 -2.48
CA LEU A 98 13.92 27.58 -1.64
C LEU A 98 15.35 27.61 -1.15
N PHE A 99 15.59 26.90 -0.06
CA PHE A 99 16.91 26.76 0.54
C PHE A 99 17.69 28.07 0.64
N LYS A 100 17.08 29.07 1.26
CA LYS A 100 17.78 30.31 1.44
C LYS A 100 18.93 30.07 2.45
N ASN A 101 19.92 30.94 2.42
CA ASN A 101 21.10 30.82 3.27
C ASN A 101 21.90 29.54 2.99
N THR A 102 22.14 29.30 1.71
CA THR A 102 22.96 28.18 1.25
C THR A 102 23.74 28.74 0.07
N ILE A 103 24.81 28.05 -0.31
CA ILE A 103 25.56 28.46 -1.48
C ILE A 103 24.79 27.73 -2.58
N LYS A 104 24.09 28.47 -3.43
CA LYS A 104 23.26 27.91 -4.51
C LYS A 104 23.92 27.66 -5.86
N THR A 105 23.54 26.55 -6.46
CA THR A 105 24.04 26.16 -7.78
C THR A 105 22.91 25.60 -8.63
N ARG A 106 22.95 25.90 -9.92
CA ARG A 106 21.95 25.36 -10.83
C ARG A 106 22.68 24.27 -11.62
N LEU A 107 22.18 23.04 -11.56
CA LEU A 107 22.80 21.93 -12.27
C LEU A 107 22.70 22.16 -13.78
N HIS A 108 23.57 21.50 -14.53
CA HIS A 108 23.60 21.67 -15.98
C HIS A 108 22.78 20.61 -16.70
N PHE A 109 21.87 19.98 -15.98
CA PHE A 109 21.01 18.97 -16.59
C PHE A 109 19.62 19.04 -15.95
N GLY A 110 18.61 18.60 -16.69
CA GLY A 110 17.26 18.64 -16.18
C GLY A 110 16.96 17.40 -15.37
N GLY A 111 15.79 17.39 -14.73
CA GLY A 111 15.39 16.25 -13.91
C GLY A 111 14.49 15.24 -14.60
N SER A 112 14.20 15.43 -15.88
CA SER A 112 13.35 14.47 -16.60
C SER A 112 14.19 13.21 -16.79
N TYR A 113 13.53 12.08 -17.03
CA TYR A 113 14.27 10.84 -17.23
C TYR A 113 15.24 10.93 -18.42
N PRO A 114 14.79 11.48 -19.56
CA PRO A 114 15.73 11.58 -20.68
C PRO A 114 16.90 12.54 -20.38
N SER A 115 16.66 13.55 -19.56
CA SER A 115 17.74 14.47 -19.20
C SER A 115 18.73 13.75 -18.30
N LEU A 116 18.22 12.93 -17.38
CA LEU A 116 19.10 12.19 -16.46
C LEU A 116 19.91 11.16 -17.26
N GLU A 117 19.33 10.63 -18.33
CA GLU A 117 20.05 9.65 -19.16
C GLU A 117 21.22 10.34 -19.82
N GLY A 118 21.07 11.65 -20.04
CA GLY A 118 22.14 12.41 -20.64
C GLY A 118 23.34 12.42 -19.72
N GLU A 119 23.09 12.20 -18.43
CA GLU A 119 24.15 12.16 -17.42
C GLU A 119 24.46 10.74 -17.04
N LYS A 120 24.16 9.82 -17.97
CA LYS A 120 24.42 8.39 -17.81
C LYS A 120 23.57 7.64 -16.78
N ALA A 121 22.51 8.27 -16.27
CA ALA A 121 21.64 7.62 -15.29
C ALA A 121 20.39 7.08 -15.99
N TYR A 122 20.37 5.77 -16.22
CA TYR A 122 19.26 5.11 -16.88
C TYR A 122 18.44 4.27 -15.91
N ARG A 123 17.11 4.39 -15.99
CA ARG A 123 16.25 3.63 -15.10
C ARG A 123 16.51 2.13 -15.20
N GLU A 124 16.74 1.65 -16.41
CA GLU A 124 16.97 0.22 -16.63
C GLU A 124 18.23 -0.34 -15.95
N THR A 125 19.22 0.50 -15.68
CA THR A 125 20.45 0.03 -15.05
C THR A 125 20.76 0.65 -13.69
N THR A 126 19.76 1.25 -13.06
CA THR A 126 19.94 1.87 -11.75
C THR A 126 19.21 1.08 -10.67
N ASP A 127 19.98 0.46 -9.78
CA ASP A 127 19.42 -0.32 -8.68
C ASP A 127 18.61 0.53 -7.72
N LEU A 128 17.55 -0.05 -7.18
CA LEU A 128 16.69 0.62 -6.20
C LEU A 128 16.62 -0.29 -4.99
N GLY A 129 16.44 0.31 -3.81
CA GLY A 129 16.37 -0.47 -2.58
C GLY A 129 16.96 0.36 -1.46
N ILE A 130 17.00 -0.19 -0.25
CA ILE A 130 17.53 0.57 0.87
C ILE A 130 19.04 0.85 0.73
N GLU A 131 19.82 -0.11 0.22
CA GLU A 131 21.25 0.13 0.06
C GLU A 131 21.49 1.20 -1.00
N PRO A 132 20.86 1.07 -2.18
CA PRO A 132 21.03 2.09 -3.21
C PRO A 132 20.64 3.47 -2.69
N LEU A 133 19.68 3.51 -1.76
CA LEU A 133 19.25 4.78 -1.19
C LEU A 133 20.32 5.34 -0.26
N ARG A 134 20.92 4.47 0.58
CA ARG A 134 21.99 4.88 1.49
C ARG A 134 23.17 5.46 0.70
N ILE A 135 23.53 4.77 -0.38
CA ILE A 135 24.64 5.18 -1.22
C ILE A 135 24.32 6.49 -1.94
N GLY A 136 23.07 6.63 -2.39
CA GLY A 136 22.66 7.85 -3.07
C GLY A 136 22.77 9.05 -2.14
N ILE A 137 22.31 8.90 -0.91
CA ILE A 137 22.40 9.97 0.07
C ILE A 137 23.88 10.30 0.28
N LYS A 138 24.68 9.27 0.48
CA LYS A 138 26.10 9.44 0.70
C LYS A 138 26.74 10.22 -0.44
N LYS A 139 26.42 9.85 -1.68
CA LYS A 139 26.98 10.54 -2.82
C LYS A 139 26.55 11.99 -2.94
N LEU A 140 25.29 12.29 -2.58
CA LEU A 140 24.83 13.67 -2.68
C LEU A 140 25.62 14.51 -1.68
N ASP A 141 25.90 13.94 -0.52
CA ASP A 141 26.66 14.66 0.49
C ASP A 141 28.11 14.83 0.07
N GLU A 142 28.70 13.77 -0.46
CA GLU A 142 30.09 13.80 -0.91
C GLU A 142 30.30 14.81 -2.02
N ASN A 143 29.26 15.06 -2.80
CA ASN A 143 29.35 16.01 -3.90
C ASN A 143 28.88 17.42 -3.52
N ALA A 144 28.88 17.72 -2.22
CA ALA A 144 28.49 19.05 -1.74
C ALA A 144 29.73 19.90 -1.83
N ILE A 145 30.24 20.05 -3.05
CA ILE A 145 31.45 20.81 -3.34
C ILE A 145 31.31 21.56 -4.67
N ASP A 146 32.32 22.36 -5.00
CA ASP A 146 32.34 23.12 -6.25
C ASP A 146 32.53 22.21 -7.46
N ASN A 147 33.53 21.34 -7.39
CA ASN A 147 33.82 20.41 -8.47
C ASN A 147 33.11 19.08 -8.26
N TYR A 148 31.78 19.13 -8.27
CA TYR A 148 30.97 17.95 -8.07
C TYR A 148 30.91 17.12 -9.36
N LYS A 149 30.60 15.84 -9.22
CA LYS A 149 30.50 14.93 -10.35
C LYS A 149 29.03 14.79 -10.72
N PRO A 150 28.62 15.39 -11.85
CA PRO A 150 27.21 15.29 -12.27
C PRO A 150 26.69 13.86 -12.45
N THR A 151 27.55 12.94 -12.86
CA THR A 151 27.10 11.57 -13.05
C THR A 151 26.66 10.95 -11.72
N GLU A 152 27.34 11.29 -10.64
CA GLU A 152 27.00 10.74 -9.34
C GLU A 152 25.73 11.38 -8.80
N ILE A 153 25.56 12.68 -9.03
CA ILE A 153 24.36 13.38 -8.57
C ILE A 153 23.15 12.85 -9.37
N ALA A 154 23.34 12.68 -10.68
CA ALA A 154 22.27 12.19 -11.55
C ALA A 154 21.79 10.79 -11.15
N SER A 155 22.71 9.85 -10.93
CA SER A 155 22.29 8.51 -10.55
C SER A 155 21.66 8.51 -9.16
N SER A 156 22.23 9.30 -8.25
CA SER A 156 21.69 9.39 -6.89
C SER A 156 20.28 10.00 -6.89
N LEU A 157 20.05 11.03 -7.68
CA LEU A 157 18.73 11.64 -7.73
C LEU A 157 17.74 10.70 -8.44
N LEU A 158 18.25 9.89 -9.38
CA LEU A 158 17.38 8.95 -10.08
C LEU A 158 16.82 7.94 -9.07
N VAL A 159 17.64 7.53 -8.09
CA VAL A 159 17.21 6.61 -7.07
C VAL A 159 16.17 7.28 -6.17
N VAL A 160 16.46 8.52 -5.75
CA VAL A 160 15.56 9.29 -4.90
C VAL A 160 14.22 9.56 -5.59
N ILE A 161 14.28 9.98 -6.84
CA ILE A 161 13.07 10.28 -7.60
C ILE A 161 12.13 9.07 -7.67
N GLN A 162 12.67 7.87 -7.89
CA GLN A 162 11.79 6.71 -7.97
C GLN A 162 11.34 6.19 -6.62
N MET A 163 12.22 6.19 -5.62
CA MET A 163 11.86 5.68 -4.31
C MET A 163 11.00 6.64 -3.50
N VAL A 164 10.98 7.91 -3.90
CA VAL A 164 10.19 8.90 -3.19
C VAL A 164 9.04 9.41 -4.06
N SER A 165 9.35 10.09 -5.16
CA SER A 165 8.32 10.64 -6.04
C SER A 165 7.42 9.60 -6.71
N GLU A 166 8.01 8.66 -7.44
CA GLU A 166 7.22 7.65 -8.14
C GLU A 166 6.51 6.71 -7.17
N ALA A 167 7.18 6.30 -6.10
CA ALA A 167 6.56 5.43 -5.11
C ALA A 167 5.39 6.15 -4.44
N ALA A 168 5.52 7.45 -4.21
CA ALA A 168 4.44 8.21 -3.57
C ALA A 168 3.23 8.29 -4.50
N ARG A 169 3.48 8.42 -5.80
CA ARG A 169 2.40 8.51 -6.80
C ARG A 169 1.68 7.17 -7.02
N PHE A 170 2.47 6.08 -7.06
CA PHE A 170 1.95 4.75 -7.36
C PHE A 170 2.10 3.71 -6.28
N THR A 171 0.99 3.13 -5.86
CA THR A 171 1.01 2.08 -4.87
C THR A 171 1.76 0.88 -5.50
N PHE A 172 1.66 0.76 -6.82
CA PHE A 172 2.34 -0.34 -7.51
C PHE A 172 3.86 -0.27 -7.32
N ILE A 173 4.43 0.92 -7.51
CA ILE A 173 5.87 1.10 -7.36
C ILE A 173 6.26 1.02 -5.89
N GLU A 174 5.39 1.55 -5.03
CA GLU A 174 5.58 1.48 -3.59
C GLU A 174 5.78 0.01 -3.19
N ASN A 175 4.92 -0.85 -3.71
CA ASN A 175 4.98 -2.26 -3.36
C ASN A 175 6.08 -3.06 -4.04
N GLN A 176 6.55 -2.60 -5.20
CA GLN A 176 7.66 -3.27 -5.86
C GLN A 176 8.85 -3.09 -4.93
N ILE A 177 8.94 -1.91 -4.32
CA ILE A 177 10.02 -1.62 -3.39
C ILE A 177 9.79 -2.24 -2.01
N ARG A 178 8.54 -2.17 -1.52
CA ARG A 178 8.21 -2.73 -0.21
C ARG A 178 8.67 -4.18 -0.03
N ASN A 179 8.34 -5.03 -1.00
CA ASN A 179 8.70 -6.44 -0.93
C ASN A 179 10.07 -6.81 -1.52
N ASN A 180 10.89 -5.79 -1.78
CA ASN A 180 12.24 -5.96 -2.30
C ASN A 180 13.12 -4.95 -1.55
N PHE A 181 12.60 -4.46 -0.44
CA PHE A 181 13.27 -3.44 0.35
C PHE A 181 14.74 -3.69 0.69
N GLN A 182 15.05 -4.87 1.21
CA GLN A 182 16.41 -5.20 1.59
C GLN A 182 17.23 -5.76 0.42
N GLN A 183 16.71 -5.62 -0.80
CA GLN A 183 17.41 -6.12 -1.97
C GLN A 183 17.71 -5.00 -2.97
N ARG A 184 18.33 -5.38 -4.08
CA ARG A 184 18.65 -4.43 -5.13
C ARG A 184 17.86 -4.88 -6.34
N ILE A 185 16.95 -4.03 -6.81
CA ILE A 185 16.14 -4.37 -7.97
C ILE A 185 16.15 -3.21 -8.94
N ARG A 186 15.98 -3.52 -10.21
CA ARG A 186 15.93 -2.49 -11.24
C ARG A 186 14.52 -2.56 -11.80
N PRO A 187 13.89 -1.40 -12.01
CA PRO A 187 12.53 -1.39 -12.56
C PRO A 187 12.46 -2.12 -13.89
N ALA A 188 11.33 -2.78 -14.12
CA ALA A 188 11.13 -3.51 -15.37
C ALA A 188 10.26 -2.62 -16.27
N ASN A 189 9.82 -3.16 -17.41
CA ASN A 189 8.99 -2.41 -18.35
C ASN A 189 7.65 -1.95 -17.78
N ASN A 190 7.12 -2.68 -16.81
CA ASN A 190 5.85 -2.30 -16.22
C ASN A 190 5.99 -1.03 -15.38
N THR A 191 6.99 -1.00 -14.50
CA THR A 191 7.24 0.16 -13.66
C THR A 191 7.56 1.40 -14.50
N ILE A 192 8.45 1.23 -15.48
CA ILE A 192 8.86 2.32 -16.35
C ILE A 192 7.67 2.88 -17.16
N SER A 193 6.82 2.01 -17.70
CA SER A 193 5.69 2.50 -18.47
C SER A 193 4.71 3.24 -17.55
N LEU A 194 4.56 2.77 -16.32
CA LEU A 194 3.65 3.44 -15.36
C LEU A 194 4.15 4.86 -15.10
N GLU A 195 5.44 4.96 -14.78
CA GLU A 195 6.06 6.26 -14.51
C GLU A 195 5.87 7.19 -15.70
N ASN A 196 6.10 6.66 -16.90
CA ASN A 196 5.96 7.46 -18.12
C ASN A 196 4.54 7.95 -18.35
N LYS A 197 3.57 7.16 -17.93
CA LYS A 197 2.16 7.46 -18.17
C LYS A 197 1.34 8.09 -17.04
N TRP A 198 1.99 8.52 -15.97
CA TRP A 198 1.26 9.11 -14.85
C TRP A 198 0.37 10.29 -15.28
N GLY A 199 0.89 11.15 -16.15
CA GLY A 199 0.11 12.29 -16.60
C GLY A 199 -1.08 11.87 -17.46
N LYS A 200 -0.84 10.99 -18.43
CA LYS A 200 -1.91 10.52 -19.31
C LYS A 200 -3.00 9.79 -18.53
N LEU A 201 -2.60 8.90 -17.62
CA LEU A 201 -3.55 8.18 -16.80
C LEU A 201 -4.35 9.16 -15.96
N SER A 202 -3.66 10.13 -15.36
CA SER A 202 -4.32 11.14 -14.53
C SER A 202 -5.36 11.93 -15.32
N PHE A 203 -5.02 12.29 -16.55
CA PHE A 203 -5.95 13.05 -17.38
C PHE A 203 -7.17 12.24 -17.77
N GLN A 204 -6.95 11.01 -18.25
CA GLN A 204 -8.07 10.17 -18.66
C GLN A 204 -9.00 9.82 -17.50
N ILE A 205 -8.44 9.61 -16.32
CA ILE A 205 -9.23 9.27 -15.15
C ILE A 205 -10.08 10.45 -14.71
N ARG A 206 -9.44 11.59 -14.50
CA ARG A 206 -10.14 12.78 -14.07
C ARG A 206 -11.26 13.25 -15.03
N THR A 207 -11.06 13.07 -16.33
CA THR A 207 -12.06 13.51 -17.32
C THR A 207 -13.09 12.45 -17.70
N SER A 208 -13.00 11.27 -17.10
CA SER A 208 -13.96 10.20 -17.40
C SER A 208 -15.30 10.45 -16.68
N GLY A 209 -16.37 9.84 -17.18
CA GLY A 209 -17.66 9.99 -16.55
C GLY A 209 -17.82 8.99 -15.42
N ALA A 210 -19.04 8.85 -14.89
CA ALA A 210 -19.28 7.91 -13.80
C ALA A 210 -18.93 6.47 -14.16
N ASN A 211 -19.01 6.10 -15.43
CA ASN A 211 -18.68 4.73 -15.81
C ASN A 211 -17.17 4.47 -15.87
N GLY A 212 -16.37 5.50 -15.62
CA GLY A 212 -14.92 5.35 -15.63
C GLY A 212 -14.23 5.06 -16.96
N MET A 213 -15.00 5.09 -18.06
CA MET A 213 -14.44 4.81 -19.39
C MET A 213 -13.55 5.94 -19.89
N PHE A 214 -12.33 5.61 -20.30
CA PHE A 214 -11.38 6.59 -20.83
C PHE A 214 -11.82 7.02 -22.22
N SER A 215 -11.64 8.30 -22.54
CA SER A 215 -12.01 8.78 -23.87
C SER A 215 -10.96 8.27 -24.85
N GLU A 216 -9.77 7.98 -24.34
CA GLU A 216 -8.68 7.45 -25.15
C GLU A 216 -7.91 6.48 -24.26
N ALA A 217 -7.68 5.28 -24.76
CA ALA A 217 -6.95 4.26 -24.01
C ALA A 217 -5.51 4.69 -23.78
N VAL A 218 -4.93 4.20 -22.69
CA VAL A 218 -3.54 4.50 -22.36
C VAL A 218 -2.72 3.22 -22.45
N GLU A 219 -1.61 3.28 -23.18
CA GLU A 219 -0.78 2.11 -23.35
C GLU A 219 0.22 1.91 -22.22
N LEU A 220 0.21 0.72 -21.65
CA LEU A 220 1.14 0.36 -20.59
C LEU A 220 1.87 -0.90 -21.07
N GLU A 221 2.83 -1.36 -20.28
CA GLU A 221 3.58 -2.55 -20.64
C GLU A 221 3.72 -3.49 -19.47
N ARG A 222 3.76 -4.78 -19.77
CA ARG A 222 3.94 -5.78 -18.75
C ARG A 222 5.45 -5.78 -18.52
N ALA A 223 5.91 -6.54 -17.53
CA ALA A 223 7.34 -6.61 -17.21
C ALA A 223 8.16 -7.00 -18.44
N ASN A 224 7.66 -7.96 -19.20
CA ASN A 224 8.34 -8.45 -20.39
C ASN A 224 8.29 -7.48 -21.57
N GLY A 225 7.54 -6.38 -21.42
CA GLY A 225 7.46 -5.42 -22.51
C GLY A 225 6.19 -5.51 -23.35
N LYS A 226 5.41 -6.57 -23.16
CA LYS A 226 4.16 -6.74 -23.91
C LYS A 226 3.24 -5.56 -23.61
N LYS A 227 2.68 -4.97 -24.67
CA LYS A 227 1.79 -3.83 -24.50
C LYS A 227 0.36 -4.22 -24.20
N TYR A 228 -0.33 -3.37 -23.45
CA TYR A 228 -1.74 -3.54 -23.15
C TYR A 228 -2.33 -2.16 -23.01
N TYR A 229 -3.65 -2.07 -23.07
CA TYR A 229 -4.29 -0.78 -22.99
C TYR A 229 -5.26 -0.65 -21.85
N VAL A 230 -5.16 0.46 -21.14
CA VAL A 230 -6.03 0.76 -20.03
C VAL A 230 -7.16 1.61 -20.63
N THR A 231 -8.39 1.12 -20.51
CA THR A 231 -9.54 1.81 -21.06
C THR A 231 -10.53 2.28 -19.99
N ALA A 232 -10.28 1.89 -18.75
CA ALA A 232 -11.16 2.29 -17.66
C ALA A 232 -10.40 2.49 -16.35
N VAL A 233 -10.93 3.36 -15.50
CA VAL A 233 -10.33 3.69 -14.21
C VAL A 233 -10.05 2.44 -13.39
N ASP A 234 -11.08 1.62 -13.24
CA ASP A 234 -10.99 0.38 -12.46
C ASP A 234 -9.80 -0.51 -12.79
N GLN A 235 -9.36 -0.49 -14.04
CA GLN A 235 -8.23 -1.32 -14.45
C GLN A 235 -6.91 -0.90 -13.80
N VAL A 236 -6.80 0.38 -13.46
CA VAL A 236 -5.56 0.91 -12.92
C VAL A 236 -5.66 1.54 -11.53
N LYS A 237 -6.89 1.72 -11.05
CA LYS A 237 -7.11 2.33 -9.74
C LYS A 237 -6.30 1.74 -8.57
N PRO A 238 -6.24 0.41 -8.43
CA PRO A 238 -5.46 -0.12 -7.31
C PRO A 238 -3.95 0.14 -7.37
N LYS A 239 -3.47 0.63 -8.52
CA LYS A 239 -2.05 0.91 -8.71
C LYS A 239 -1.66 2.36 -8.44
N ILE A 240 -2.65 3.24 -8.35
CA ILE A 240 -2.40 4.66 -8.17
C ILE A 240 -2.76 5.20 -6.79
N ALA A 241 -1.86 6.00 -6.21
CA ALA A 241 -2.09 6.59 -4.89
C ALA A 241 -2.48 8.06 -4.99
N LEU A 242 -1.97 8.74 -6.02
CA LEU A 242 -2.24 10.16 -6.23
C LEU A 242 -2.41 10.45 -7.71
N LEU A 243 -3.30 11.38 -8.03
CA LEU A 243 -3.54 11.78 -9.42
C LEU A 243 -3.01 13.19 -9.63
N LYS A 244 -2.41 13.41 -10.80
CA LYS A 244 -1.92 14.74 -11.12
C LYS A 244 -3.14 15.45 -11.68
N PHE A 245 -3.24 16.75 -11.47
CA PHE A 245 -4.36 17.47 -12.03
C PHE A 245 -3.89 17.93 -13.40
N VAL A 246 -4.35 17.27 -14.45
CA VAL A 246 -3.96 17.61 -15.82
C VAL A 246 -5.12 18.29 -16.55
N ASP A 247 -4.88 19.51 -17.03
CA ASP A 247 -5.90 20.28 -17.75
C ASP A 247 -6.26 19.73 -19.12
N LYS A 248 -5.30 19.73 -20.03
CA LYS A 248 -5.51 19.24 -21.39
C LYS A 248 -4.79 17.91 -21.60
N ASP A 249 -5.32 17.09 -22.51
CA ASP A 249 -4.73 15.79 -22.79
C ASP A 249 -3.25 15.91 -23.10
N PRO A 250 -2.39 15.30 -22.28
CA PRO A 250 -0.94 15.32 -22.43
C PRO A 250 -0.44 14.43 -23.57
N LYS A 251 0.64 14.87 -24.22
CA LYS A 251 1.26 14.15 -25.32
C LYS A 251 2.23 15.08 -26.05
N GLY B 1 0.34 -10.75 27.73
CA GLY B 1 -1.03 -10.37 27.21
C GLY B 1 -1.10 -10.31 25.69
N LEU B 2 -2.28 -9.99 25.18
CA LEU B 2 -2.47 -9.89 23.73
C LEU B 2 -2.34 -8.45 23.27
N ASP B 3 -1.84 -8.25 22.06
CA ASP B 3 -1.73 -6.89 21.52
C ASP B 3 -3.09 -6.49 20.96
N THR B 4 -3.38 -5.20 21.01
CA THR B 4 -4.65 -4.71 20.52
C THR B 4 -4.42 -3.58 19.53
N VAL B 5 -5.12 -3.63 18.41
CA VAL B 5 -5.01 -2.59 17.40
C VAL B 5 -6.41 -2.01 17.30
N SER B 6 -6.51 -0.69 17.41
CA SER B 6 -7.80 -0.02 17.35
C SER B 6 -8.00 0.73 16.06
N PHE B 7 -9.26 0.86 15.67
CA PHE B 7 -9.64 1.60 14.48
C PHE B 7 -11.04 2.16 14.72
N SER B 8 -11.20 3.45 14.52
CA SER B 8 -12.49 4.09 14.69
C SER B 8 -13.00 4.56 13.34
N THR B 9 -14.30 4.39 13.11
CA THR B 9 -14.91 4.80 11.86
C THR B 9 -15.28 6.28 11.91
N LYS B 10 -15.29 6.85 13.10
CA LYS B 10 -15.62 8.26 13.28
C LYS B 10 -14.50 9.12 12.71
N GLY B 11 -14.78 9.82 11.61
CA GLY B 11 -13.79 10.68 10.99
C GLY B 11 -12.71 9.90 10.26
N ALA B 12 -12.96 8.62 10.03
CA ALA B 12 -11.99 7.78 9.34
C ALA B 12 -11.75 8.24 7.91
N THR B 13 -10.53 8.04 7.44
CA THR B 13 -10.15 8.39 6.07
C THR B 13 -9.38 7.23 5.48
N TYR B 14 -9.12 7.29 4.17
CA TYR B 14 -8.39 6.22 3.51
C TYR B 14 -7.02 6.07 4.14
N ILE B 15 -6.50 7.17 4.67
CA ILE B 15 -5.21 7.15 5.34
C ILE B 15 -5.26 6.49 6.71
N THR B 16 -6.27 6.81 7.53
CA THR B 16 -6.32 6.18 8.84
C THR B 16 -6.53 4.66 8.68
N TYR B 17 -7.27 4.27 7.64
CA TYR B 17 -7.53 2.86 7.35
C TYR B 17 -6.22 2.15 6.98
N VAL B 18 -5.47 2.74 6.05
CA VAL B 18 -4.20 2.16 5.62
C VAL B 18 -3.19 2.12 6.76
N ASN B 19 -3.13 3.19 7.56
CA ASN B 19 -2.21 3.21 8.70
C ASN B 19 -2.60 2.10 9.68
N PHE B 20 -3.91 1.88 9.84
CA PHE B 20 -4.41 0.82 10.70
C PHE B 20 -3.93 -0.55 10.22
N LEU B 21 -4.11 -0.83 8.91
CA LEU B 21 -3.68 -2.10 8.35
C LEU B 21 -2.19 -2.35 8.57
N ASN B 22 -1.37 -1.33 8.40
CA ASN B 22 0.07 -1.52 8.59
C ASN B 22 0.43 -1.70 10.05
N GLU B 23 -0.42 -1.18 10.92
CA GLU B 23 -0.21 -1.31 12.35
C GLU B 23 -0.50 -2.78 12.70
N LEU B 24 -1.56 -3.32 12.10
CA LEU B 24 -1.95 -4.71 12.32
C LEU B 24 -0.91 -5.67 11.77
N ARG B 25 -0.40 -5.37 10.58
CA ARG B 25 0.60 -6.20 9.93
C ARG B 25 1.84 -6.33 10.80
N VAL B 26 2.18 -5.27 11.51
CA VAL B 26 3.35 -5.29 12.39
C VAL B 26 3.06 -6.16 13.61
N LYS B 27 1.91 -5.93 14.24
CA LYS B 27 1.56 -6.70 15.43
C LYS B 27 1.27 -8.18 15.21
N LEU B 28 1.12 -8.57 13.95
CA LEU B 28 0.91 -9.99 13.66
C LEU B 28 2.26 -10.67 13.86
N LYS B 29 3.31 -9.83 13.93
CA LYS B 29 4.67 -10.27 14.14
C LYS B 29 5.12 -11.44 13.29
N PRO B 30 5.17 -11.26 11.96
CA PRO B 30 5.60 -12.35 11.09
C PRO B 30 7.08 -12.64 11.39
N GLU B 31 7.56 -13.84 11.09
CA GLU B 31 8.95 -14.14 11.35
C GLU B 31 9.68 -14.51 10.06
N GLY B 32 10.60 -13.64 9.65
CA GLY B 32 11.34 -13.90 8.43
C GLY B 32 10.54 -13.50 7.21
N ASN B 33 10.96 -13.98 6.05
CA ASN B 33 10.27 -13.64 4.81
C ASN B 33 10.60 -14.67 3.77
N SER B 34 9.93 -14.55 2.63
CA SER B 34 10.17 -15.43 1.50
C SER B 34 10.18 -14.45 0.32
N HIS B 35 11.33 -14.33 -0.33
CA HIS B 35 11.49 -13.42 -1.45
C HIS B 35 11.16 -11.97 -1.09
N GLY B 36 11.42 -11.60 0.16
CA GLY B 36 11.16 -10.25 0.59
C GLY B 36 9.80 -10.01 1.18
N ILE B 37 8.88 -10.96 1.01
CA ILE B 37 7.53 -10.82 1.55
C ILE B 37 7.49 -11.38 2.97
N PRO B 38 7.03 -10.58 3.95
CA PRO B 38 6.98 -11.09 5.32
C PRO B 38 6.18 -12.39 5.45
N LEU B 39 6.76 -13.35 6.19
CA LEU B 39 6.15 -14.65 6.39
C LEU B 39 5.58 -14.81 7.80
N LEU B 40 4.28 -15.08 7.87
CA LEU B 40 3.61 -15.26 9.16
C LEU B 40 4.16 -16.48 9.89
N ARG B 41 4.04 -16.46 11.21
CA ARG B 41 4.50 -17.57 12.03
C ARG B 41 3.78 -18.85 11.64
N LYS B 42 4.50 -19.97 11.72
CA LYS B 42 3.94 -21.27 11.38
C LYS B 42 3.07 -21.74 12.53
N LYS B 43 3.72 -22.04 13.65
CA LYS B 43 3.01 -22.50 14.83
C LYS B 43 2.90 -21.40 15.85
N CYS B 44 1.88 -21.52 16.70
CA CYS B 44 1.59 -20.57 17.74
C CYS B 44 0.28 -21.09 18.35
N ASP B 45 0.41 -21.80 19.46
CA ASP B 45 -0.72 -22.40 20.15
C ASP B 45 -1.28 -21.52 21.27
N ASP B 46 -0.41 -21.13 22.20
CA ASP B 46 -0.79 -20.32 23.34
C ASP B 46 -1.70 -19.13 22.98
N PRO B 47 -2.99 -19.23 23.33
CA PRO B 47 -3.96 -18.17 23.04
C PRO B 47 -3.56 -16.90 23.79
N GLY B 48 -2.55 -17.05 24.65
CA GLY B 48 -2.06 -15.94 25.45
C GLY B 48 -1.15 -15.02 24.67
N LYS B 49 -1.00 -15.29 23.36
CA LYS B 49 -0.15 -14.46 22.52
C LYS B 49 -0.28 -14.80 21.04
N CYS B 50 -1.18 -15.71 20.70
CA CYS B 50 -1.35 -16.10 19.30
C CYS B 50 -2.53 -15.49 18.59
N PHE B 51 -3.05 -14.41 19.16
CA PHE B 51 -4.17 -13.68 18.59
C PHE B 51 -3.87 -12.22 18.80
N VAL B 52 -4.39 -11.39 17.91
CA VAL B 52 -4.24 -9.95 18.03
C VAL B 52 -5.68 -9.48 18.15
N LEU B 53 -5.94 -8.51 19.01
CA LEU B 53 -7.30 -8.01 19.15
C LEU B 53 -7.46 -6.74 18.35
N VAL B 54 -8.49 -6.70 17.53
CA VAL B 54 -8.77 -5.52 16.71
C VAL B 54 -10.04 -4.91 17.27
N ALA B 55 -9.90 -3.76 17.91
CA ALA B 55 -11.03 -3.05 18.50
C ALA B 55 -11.66 -2.10 17.49
N LEU B 56 -12.80 -2.51 16.96
CA LEU B 56 -13.53 -1.72 15.99
C LEU B 56 -14.65 -0.94 16.68
N SER B 57 -14.72 0.37 16.44
CA SER B 57 -15.76 1.19 17.03
C SER B 57 -16.32 2.13 15.98
N ASN B 58 -17.64 2.35 15.99
CA ASN B 58 -18.21 3.24 15.00
C ASN B 58 -18.51 4.65 15.55
N ASP B 59 -19.19 5.44 14.74
CA ASP B 59 -19.53 6.82 15.08
C ASP B 59 -20.39 6.97 16.31
N ASN B 60 -21.24 5.99 16.58
CA ASN B 60 -22.13 6.04 17.74
C ASN B 60 -21.62 5.33 18.99
N GLY B 61 -20.31 5.10 19.06
CA GLY B 61 -19.75 4.45 20.24
C GLY B 61 -19.85 2.93 20.35
N GLN B 62 -20.48 2.27 19.38
CA GLN B 62 -20.60 0.82 19.42
C GLN B 62 -19.25 0.16 19.16
N LEU B 63 -18.91 -0.85 19.97
CA LEU B 63 -17.64 -1.54 19.86
C LEU B 63 -17.72 -3.06 19.69
N ALA B 64 -16.90 -3.57 18.78
CA ALA B 64 -16.81 -4.99 18.50
C ALA B 64 -15.31 -5.26 18.53
N GLU B 65 -14.88 -6.14 19.43
CA GLU B 65 -13.47 -6.47 19.53
C GLU B 65 -13.25 -7.80 18.82
N ILE B 66 -12.49 -7.76 17.73
CA ILE B 66 -12.23 -8.95 16.89
C ILE B 66 -10.94 -9.69 17.23
N ALA B 67 -11.04 -11.01 17.36
CA ALA B 67 -9.88 -11.85 17.65
C ALA B 67 -9.32 -12.35 16.31
N ILE B 68 -8.09 -11.95 16.00
CA ILE B 68 -7.44 -12.33 14.76
C ILE B 68 -6.27 -13.29 15.02
N ASP B 69 -6.30 -14.44 14.36
CA ASP B 69 -5.27 -15.47 14.49
C ASP B 69 -3.98 -14.94 13.83
N VAL B 70 -2.85 -15.00 14.53
CA VAL B 70 -1.61 -14.47 13.95
C VAL B 70 -0.94 -15.35 12.89
N THR B 71 -1.46 -16.55 12.68
CA THR B 71 -0.88 -17.43 11.67
C THR B 71 -1.62 -17.38 10.34
N SER B 72 -2.89 -16.97 10.37
CA SER B 72 -3.70 -16.91 9.14
C SER B 72 -4.37 -15.55 8.95
N VAL B 73 -4.30 -14.71 9.98
CA VAL B 73 -4.90 -13.39 9.99
C VAL B 73 -6.43 -13.48 9.91
N TYR B 74 -6.99 -14.66 10.12
CA TYR B 74 -8.43 -14.79 10.04
C TYR B 74 -9.15 -14.60 11.37
N VAL B 75 -10.40 -14.15 11.28
CA VAL B 75 -11.25 -13.90 12.44
C VAL B 75 -11.70 -15.23 13.07
N VAL B 76 -11.48 -15.39 14.38
CA VAL B 76 -11.89 -16.60 15.08
C VAL B 76 -13.14 -16.37 15.94
N GLY B 77 -13.33 -15.12 16.36
CA GLY B 77 -14.48 -14.77 17.19
C GLY B 77 -14.41 -13.29 17.54
N TYR B 78 -15.36 -12.83 18.33
CA TYR B 78 -15.37 -11.42 18.72
C TYR B 78 -16.17 -11.19 19.99
N GLN B 79 -15.95 -10.03 20.61
CA GLN B 79 -16.68 -9.67 21.81
C GLN B 79 -17.42 -8.35 21.64
N VAL B 80 -18.69 -8.36 22.06
CA VAL B 80 -19.53 -7.17 22.03
C VAL B 80 -20.19 -7.14 23.41
N ARG B 81 -20.12 -5.99 24.08
CA ARG B 81 -20.69 -5.84 25.41
C ARG B 81 -20.12 -6.91 26.34
N ASN B 82 -20.98 -7.60 27.08
CA ASN B 82 -20.52 -8.64 28.01
C ASN B 82 -20.57 -10.04 27.39
N ARG B 83 -20.66 -10.11 26.06
CA ARG B 83 -20.74 -11.39 25.38
C ARG B 83 -19.67 -11.57 24.31
N SER B 84 -19.47 -12.82 23.90
CA SER B 84 -18.53 -13.14 22.85
C SER B 84 -19.09 -14.28 22.02
N TYR B 85 -18.72 -14.32 20.74
CA TYR B 85 -19.18 -15.36 19.82
C TYR B 85 -17.98 -15.90 19.06
N PHE B 86 -17.93 -17.22 18.86
CA PHE B 86 -16.83 -17.86 18.17
C PHE B 86 -17.35 -18.69 17.02
N PHE B 87 -16.61 -18.68 15.90
CA PHE B 87 -16.99 -19.47 14.75
C PHE B 87 -16.99 -20.92 15.19
N LYS B 88 -17.82 -21.74 14.54
CA LYS B 88 -17.92 -23.15 14.87
C LYS B 88 -16.57 -23.86 14.84
N ASP B 89 -15.75 -23.52 13.85
CA ASP B 89 -14.44 -24.12 13.68
C ASP B 89 -13.30 -23.42 14.43
N ALA B 90 -13.63 -22.53 15.35
CA ALA B 90 -12.59 -21.85 16.12
C ALA B 90 -11.93 -22.84 17.08
N PRO B 91 -10.58 -22.90 17.09
CA PRO B 91 -9.87 -23.82 17.97
C PRO B 91 -10.28 -23.66 19.44
N ASP B 92 -10.44 -24.78 20.13
CA ASP B 92 -10.86 -24.76 21.53
C ASP B 92 -10.01 -23.90 22.45
N ALA B 93 -8.75 -23.70 22.10
CA ALA B 93 -7.86 -22.88 22.92
C ALA B 93 -8.28 -21.42 22.79
N ALA B 94 -8.79 -21.05 21.63
CA ALA B 94 -9.26 -19.69 21.39
C ALA B 94 -10.55 -19.52 22.16
N TYR B 95 -11.44 -20.49 22.01
CA TYR B 95 -12.73 -20.45 22.69
C TYR B 95 -12.54 -20.30 24.19
N GLU B 96 -11.61 -21.06 24.74
CA GLU B 96 -11.34 -21.03 26.18
C GLU B 96 -10.45 -19.88 26.64
N GLY B 97 -9.43 -19.55 25.86
CA GLY B 97 -8.52 -18.50 26.27
C GLY B 97 -8.88 -17.06 26.00
N LEU B 98 -9.77 -16.82 25.04
CA LEU B 98 -10.16 -15.46 24.69
C LEU B 98 -11.44 -14.95 25.36
N PHE B 99 -11.52 -13.64 25.56
CA PHE B 99 -12.69 -13.01 26.15
C PHE B 99 -13.23 -13.82 27.32
N LYS B 100 -12.40 -14.06 28.32
CA LYS B 100 -12.80 -14.87 29.46
C LYS B 100 -13.98 -14.36 30.28
N ASN B 101 -14.07 -13.06 30.53
CA ASN B 101 -15.18 -12.56 31.31
C ASN B 101 -16.33 -12.09 30.43
N THR B 102 -16.97 -13.04 29.78
CA THR B 102 -18.11 -12.77 28.90
C THR B 102 -18.97 -14.02 28.86
N ILE B 103 -20.20 -13.86 28.38
CA ILE B 103 -21.11 -14.99 28.21
C ILE B 103 -20.75 -15.50 26.81
N LYS B 104 -20.06 -16.63 26.75
CA LYS B 104 -19.60 -17.19 25.46
C LYS B 104 -20.59 -18.03 24.69
N THR B 105 -20.52 -17.91 23.37
CA THR B 105 -21.38 -18.65 22.47
C THR B 105 -20.58 -19.15 21.28
N ARG B 106 -20.69 -20.44 20.97
CA ARG B 106 -20.00 -20.97 19.81
C ARG B 106 -21.07 -21.00 18.73
N LEU B 107 -20.88 -20.19 17.69
CA LEU B 107 -21.84 -20.12 16.59
C LEU B 107 -21.97 -21.47 15.90
N HIS B 108 -23.14 -21.72 15.31
CA HIS B 108 -23.37 -22.99 14.63
C HIS B 108 -22.70 -23.06 13.27
N PHE B 109 -22.17 -21.93 12.81
CA PHE B 109 -21.50 -21.88 11.52
C PHE B 109 -20.04 -21.46 11.64
N GLY B 110 -19.24 -21.88 10.66
CA GLY B 110 -17.82 -21.55 10.64
C GLY B 110 -17.57 -20.24 9.90
N GLY B 111 -16.29 -19.87 9.78
CA GLY B 111 -15.94 -18.62 9.12
C GLY B 111 -15.50 -18.70 7.66
N SER B 112 -15.48 -19.90 7.09
CA SER B 112 -15.08 -20.04 5.70
C SER B 112 -16.10 -19.33 4.85
N TYR B 113 -15.75 -19.00 3.62
CA TYR B 113 -16.68 -18.31 2.77
C TYR B 113 -17.90 -19.18 2.48
N PRO B 114 -17.69 -20.47 2.20
CA PRO B 114 -18.91 -21.26 1.95
C PRO B 114 -19.79 -21.40 3.21
N SER B 115 -19.17 -21.41 4.39
CA SER B 115 -19.94 -21.50 5.63
C SER B 115 -20.78 -20.23 5.79
N LEU B 116 -20.19 -19.08 5.47
CA LEU B 116 -20.91 -17.83 5.60
C LEU B 116 -22.03 -17.71 4.57
N GLU B 117 -21.87 -18.34 3.41
CA GLU B 117 -22.91 -18.30 2.39
C GLU B 117 -24.11 -19.10 2.89
N GLY B 118 -23.83 -20.09 3.73
CA GLY B 118 -24.89 -20.90 4.30
C GLY B 118 -25.79 -20.02 5.14
N GLU B 119 -25.24 -18.89 5.60
CA GLU B 119 -26.01 -17.93 6.39
C GLU B 119 -26.37 -16.75 5.50
N LYS B 120 -26.39 -17.01 4.19
CA LYS B 120 -26.75 -16.02 3.19
C LYS B 120 -25.81 -14.83 2.99
N ALA B 121 -24.57 -14.97 3.41
CA ALA B 121 -23.57 -13.91 3.26
C ALA B 121 -22.63 -14.27 2.10
N TYR B 122 -22.83 -13.61 0.95
CA TYR B 122 -22.02 -13.86 -0.25
C TYR B 122 -21.12 -12.68 -0.56
N ARG B 123 -19.87 -12.97 -0.94
CA ARG B 123 -18.91 -11.92 -1.26
C ARG B 123 -19.37 -11.02 -2.41
N GLU B 124 -19.96 -11.61 -3.44
CA GLU B 124 -20.42 -10.87 -4.61
C GLU B 124 -21.53 -9.86 -4.32
N THR B 125 -22.30 -10.10 -3.27
CA THR B 125 -23.40 -9.19 -2.95
C THR B 125 -23.25 -8.45 -1.64
N THR B 126 -22.04 -8.42 -1.10
CA THR B 126 -21.80 -7.74 0.15
C THR B 126 -20.94 -6.51 -0.06
N ASP B 127 -21.54 -5.34 0.18
CA ASP B 127 -20.84 -4.08 0.02
C ASP B 127 -19.69 -3.95 1.02
N LEU B 128 -18.62 -3.29 0.59
CA LEU B 128 -17.47 -3.04 1.43
C LEU B 128 -17.24 -1.53 1.36
N GLY B 129 -16.64 -0.97 2.39
CA GLY B 129 -16.39 0.46 2.45
C GLY B 129 -16.57 0.91 3.88
N ILE B 130 -16.36 2.19 4.14
CA ILE B 130 -16.49 2.69 5.50
C ILE B 130 -17.92 2.63 6.06
N GLU B 131 -18.93 2.95 5.24
CA GLU B 131 -20.30 2.90 5.73
C GLU B 131 -20.71 1.44 6.02
N PRO B 132 -20.40 0.50 5.10
CA PRO B 132 -20.77 -0.88 5.43
C PRO B 132 -20.06 -1.39 6.69
N LEU B 133 -18.88 -0.86 6.97
CA LEU B 133 -18.13 -1.26 8.17
C LEU B 133 -18.82 -0.70 9.41
N ARG B 134 -19.31 0.54 9.31
CA ARG B 134 -20.02 1.17 10.43
C ARG B 134 -21.26 0.35 10.75
N ILE B 135 -21.99 -0.01 9.71
CA ILE B 135 -23.20 -0.81 9.83
C ILE B 135 -22.91 -2.19 10.36
N GLY B 136 -21.82 -2.80 9.90
CA GLY B 136 -21.45 -4.13 10.36
C GLY B 136 -21.18 -4.11 11.87
N ILE B 137 -20.46 -3.09 12.32
CA ILE B 137 -20.14 -2.95 13.74
C ILE B 137 -21.43 -2.77 14.54
N LYS B 138 -22.34 -1.97 13.99
CA LYS B 138 -23.62 -1.69 14.62
C LYS B 138 -24.40 -2.99 14.81
N LYS B 139 -24.50 -3.77 13.75
CA LYS B 139 -25.24 -5.03 13.79
C LYS B 139 -24.63 -6.07 14.73
N LEU B 140 -23.31 -6.09 14.83
CA LEU B 140 -22.67 -7.04 15.73
C LEU B 140 -23.03 -6.67 17.15
N ASP B 141 -23.08 -5.37 17.42
CA ASP B 141 -23.42 -4.89 18.76
C ASP B 141 -24.90 -5.08 19.08
N GLU B 142 -25.78 -4.85 18.11
CA GLU B 142 -27.21 -5.03 18.34
C GLU B 142 -27.55 -6.50 18.60
N ASN B 143 -26.78 -7.41 18.00
CA ASN B 143 -27.01 -8.84 18.17
C ASN B 143 -26.25 -9.45 19.34
N ALA B 144 -25.78 -8.58 20.24
CA ALA B 144 -25.07 -9.03 21.45
C ALA B 144 -26.23 -9.34 22.39
N ILE B 145 -27.03 -10.32 21.99
CA ILE B 145 -28.21 -10.73 22.74
C ILE B 145 -28.39 -12.24 22.60
N ASP B 146 -29.26 -12.82 23.40
CA ASP B 146 -29.52 -14.25 23.37
C ASP B 146 -30.18 -14.69 22.06
N ASN B 147 -31.16 -13.93 21.62
CA ASN B 147 -31.87 -14.26 20.38
C ASN B 147 -31.24 -13.50 19.21
N TYR B 148 -29.94 -13.69 19.01
CA TYR B 148 -29.21 -13.03 17.94
C TYR B 148 -29.62 -13.59 16.58
N LYS B 149 -29.49 -12.77 15.54
CA LYS B 149 -29.83 -13.20 14.19
C LYS B 149 -28.53 -13.61 13.51
N PRO B 150 -28.34 -14.93 13.29
CA PRO B 150 -27.13 -15.43 12.64
C PRO B 150 -26.85 -14.83 11.27
N THR B 151 -27.89 -14.50 10.52
CA THR B 151 -27.66 -13.93 9.20
C THR B 151 -27.03 -12.54 9.29
N GLU B 152 -27.41 -11.77 10.30
CA GLU B 152 -26.86 -10.42 10.47
C GLU B 152 -25.42 -10.48 10.97
N ILE B 153 -25.12 -11.46 11.81
CA ILE B 153 -23.76 -11.62 12.31
C ILE B 153 -22.88 -12.06 11.16
N ALA B 154 -23.37 -13.02 10.38
CA ALA B 154 -22.62 -13.54 9.24
C ALA B 154 -22.28 -12.42 8.25
N SER B 155 -23.29 -11.63 7.90
CA SER B 155 -23.11 -10.54 6.98
C SER B 155 -22.10 -9.53 7.49
N SER B 156 -22.21 -9.17 8.77
CA SER B 156 -21.30 -8.21 9.38
C SER B 156 -19.86 -8.74 9.45
N LEU B 157 -19.70 -10.01 9.79
CA LEU B 157 -18.37 -10.58 9.87
C LEU B 157 -17.74 -10.70 8.49
N LEU B 158 -18.55 -10.92 7.45
CA LEU B 158 -18.01 -11.02 6.10
C LEU B 158 -17.36 -9.67 5.72
N VAL B 159 -18.00 -8.57 6.12
CA VAL B 159 -17.47 -7.25 5.85
C VAL B 159 -16.15 -7.08 6.62
N VAL B 160 -16.16 -7.47 7.89
CA VAL B 160 -14.98 -7.37 8.74
C VAL B 160 -13.84 -8.24 8.20
N ILE B 161 -14.16 -9.46 7.83
CA ILE B 161 -13.16 -10.39 7.30
C ILE B 161 -12.43 -9.84 6.06
N GLN B 162 -13.17 -9.21 5.17
CA GLN B 162 -12.50 -8.69 3.97
C GLN B 162 -11.81 -7.36 4.16
N MET B 163 -12.38 -6.48 4.98
CA MET B 163 -11.77 -5.17 5.19
C MET B 163 -10.62 -5.22 6.19
N VAL B 164 -10.56 -6.29 6.97
CA VAL B 164 -9.47 -6.44 7.94
C VAL B 164 -8.55 -7.60 7.55
N SER B 165 -9.07 -8.82 7.57
CA SER B 165 -8.26 -9.99 7.23
C SER B 165 -7.68 -10.01 5.81
N GLU B 166 -8.53 -9.96 4.79
CA GLU B 166 -8.03 -10.02 3.41
C GLU B 166 -7.23 -8.79 3.04
N ALA B 167 -7.68 -7.62 3.49
CA ALA B 167 -6.96 -6.38 3.20
C ALA B 167 -5.55 -6.43 3.84
N ALA B 168 -5.44 -7.00 5.03
CA ALA B 168 -4.15 -7.10 5.71
C ALA B 168 -3.23 -8.04 4.92
N ARG B 169 -3.81 -9.10 4.36
CA ARG B 169 -3.05 -10.08 3.60
C ARG B 169 -2.58 -9.58 2.24
N PHE B 170 -3.45 -8.86 1.53
CA PHE B 170 -3.18 -8.39 0.18
C PHE B 170 -3.17 -6.88 0.01
N THR B 171 -2.04 -6.33 -0.45
CA THR B 171 -1.98 -4.89 -0.70
C THR B 171 -2.98 -4.58 -1.82
N PHE B 172 -3.22 -5.55 -2.68
CA PHE B 172 -4.16 -5.38 -3.78
C PHE B 172 -5.58 -5.11 -3.27
N ILE B 173 -6.02 -5.88 -2.29
CA ILE B 173 -7.35 -5.72 -1.72
C ILE B 173 -7.39 -4.46 -0.86
N GLU B 174 -6.29 -4.17 -0.18
CA GLU B 174 -6.16 -2.97 0.64
C GLU B 174 -6.41 -1.74 -0.24
N ASN B 175 -5.77 -1.72 -1.42
CA ASN B 175 -5.91 -0.58 -2.31
C ASN B 175 -7.24 -0.48 -3.03
N GLN B 176 -7.93 -1.60 -3.20
CA GLN B 176 -9.24 -1.56 -3.84
C GLN B 176 -10.17 -0.83 -2.88
N ILE B 177 -9.92 -1.00 -1.59
CA ILE B 177 -10.73 -0.36 -0.56
C ILE B 177 -10.26 1.09 -0.36
N ARG B 178 -8.94 1.27 -0.34
CA ARG B 178 -8.36 2.61 -0.14
C ARG B 178 -8.97 3.63 -1.10
N ASN B 179 -8.95 3.32 -2.40
CA ASN B 179 -9.49 4.23 -3.39
C ASN B 179 -11.00 4.18 -3.62
N ASN B 180 -11.71 3.50 -2.73
CA ASN B 180 -13.17 3.39 -2.79
C ASN B 180 -13.69 3.51 -1.36
N PHE B 181 -12.84 3.99 -0.46
CA PHE B 181 -13.17 4.09 0.96
C PHE B 181 -14.51 4.73 1.31
N GLN B 182 -14.84 5.86 0.68
CA GLN B 182 -16.09 6.54 0.97
C GLN B 182 -17.24 6.05 0.09
N GLN B 183 -17.03 4.95 -0.61
CA GLN B 183 -18.06 4.39 -1.48
C GLN B 183 -18.42 2.98 -1.02
N ARG B 184 -19.33 2.35 -1.75
CA ARG B 184 -19.76 0.99 -1.45
C ARG B 184 -19.41 0.12 -2.65
N ILE B 185 -18.41 -0.73 -2.49
CA ILE B 185 -18.00 -1.60 -3.58
C ILE B 185 -18.11 -3.06 -3.21
N ARG B 186 -18.33 -3.89 -4.21
CA ARG B 186 -18.42 -5.33 -4.00
C ARG B 186 -17.21 -5.94 -4.66
N PRO B 187 -16.59 -6.93 -4.02
CA PRO B 187 -15.41 -7.54 -4.64
C PRO B 187 -15.70 -8.13 -6.02
N ALA B 188 -14.72 -8.03 -6.92
CA ALA B 188 -14.84 -8.56 -8.28
C ALA B 188 -14.16 -9.92 -8.36
N ASN B 189 -14.12 -10.49 -9.55
CA ASN B 189 -13.51 -11.80 -9.73
C ASN B 189 -12.03 -11.84 -9.38
N ASN B 190 -11.35 -10.71 -9.50
CA ASN B 190 -9.93 -10.67 -9.16
C ASN B 190 -9.72 -10.76 -7.65
N THR B 191 -10.45 -9.92 -6.92
CA THR B 191 -10.38 -9.90 -5.46
C THR B 191 -10.75 -11.28 -4.91
N ILE B 192 -11.85 -11.82 -5.37
CA ILE B 192 -12.31 -13.12 -4.88
C ILE B 192 -11.33 -14.26 -5.19
N SER B 193 -10.73 -14.26 -6.39
CA SER B 193 -9.79 -15.33 -6.74
C SER B 193 -8.53 -15.22 -5.88
N LEU B 194 -8.12 -13.99 -5.59
CA LEU B 194 -6.94 -13.77 -4.74
C LEU B 194 -7.19 -14.34 -3.37
N GLU B 195 -8.35 -14.02 -2.79
CA GLU B 195 -8.71 -14.50 -1.46
C GLU B 195 -8.71 -16.02 -1.44
N ASN B 196 -9.26 -16.62 -2.48
CA ASN B 196 -9.32 -18.06 -2.59
C ASN B 196 -7.94 -18.72 -2.68
N LYS B 197 -7.01 -18.06 -3.38
CA LYS B 197 -5.68 -18.61 -3.59
C LYS B 197 -4.55 -18.15 -2.67
N TRP B 198 -4.88 -17.52 -1.55
CA TRP B 198 -3.82 -17.06 -0.66
C TRP B 198 -2.92 -18.20 -0.18
N GLY B 199 -3.54 -19.30 0.25
CA GLY B 199 -2.78 -20.44 0.73
C GLY B 199 -1.89 -21.05 -0.35
N LYS B 200 -2.45 -21.26 -1.53
CA LYS B 200 -1.69 -21.83 -2.63
C LYS B 200 -0.55 -20.92 -3.08
N LEU B 201 -0.82 -19.63 -3.18
CA LEU B 201 0.22 -18.68 -3.58
C LEU B 201 1.31 -18.68 -2.52
N SER B 202 0.90 -18.69 -1.25
CA SER B 202 1.86 -18.68 -0.16
C SER B 202 2.76 -19.91 -0.21
N PHE B 203 2.17 -21.07 -0.51
CA PHE B 203 2.94 -22.30 -0.58
C PHE B 203 3.93 -22.27 -1.75
N GLN B 204 3.45 -21.91 -2.94
CA GLN B 204 4.33 -21.88 -4.10
C GLN B 204 5.45 -20.87 -3.93
N ILE B 205 5.14 -19.70 -3.36
CA ILE B 205 6.15 -18.67 -3.18
C ILE B 205 7.22 -19.10 -2.17
N ARG B 206 6.78 -19.55 -0.99
CA ARG B 206 7.72 -19.96 0.05
C ARG B 206 8.63 -21.10 -0.36
N THR B 207 8.11 -22.06 -1.10
CA THR B 207 8.92 -23.21 -1.50
C THR B 207 9.74 -23.02 -2.77
N SER B 208 9.51 -21.93 -3.49
CA SER B 208 10.27 -21.68 -4.72
C SER B 208 11.73 -21.34 -4.41
N GLY B 209 12.60 -21.51 -5.38
CA GLY B 209 14.01 -21.20 -5.20
C GLY B 209 14.28 -19.73 -5.48
N ALA B 210 15.55 -19.37 -5.56
CA ALA B 210 15.93 -17.98 -5.81
C ALA B 210 15.32 -17.37 -7.07
N ASN B 211 15.08 -18.19 -8.09
CA ASN B 211 14.50 -17.69 -9.32
C ASN B 211 13.01 -17.38 -9.20
N GLY B 212 12.42 -17.77 -8.07
CA GLY B 212 11.01 -17.50 -7.85
C GLY B 212 10.05 -18.28 -8.73
N MET B 213 10.56 -19.32 -9.41
CA MET B 213 9.70 -20.11 -10.27
C MET B 213 8.85 -21.07 -9.45
N PHE B 214 7.53 -21.05 -9.68
CA PHE B 214 6.59 -21.92 -8.97
C PHE B 214 6.75 -23.35 -9.45
N SER B 215 6.61 -24.33 -8.55
CA SER B 215 6.70 -25.70 -8.99
C SER B 215 5.41 -26.00 -9.76
N GLU B 216 4.34 -25.28 -9.39
CA GLU B 216 3.04 -25.44 -10.04
C GLU B 216 2.35 -24.09 -10.15
N ALA B 217 1.78 -23.80 -11.31
CA ALA B 217 1.10 -22.54 -11.54
C ALA B 217 -0.15 -22.41 -10.69
N VAL B 218 -0.49 -21.16 -10.37
CA VAL B 218 -1.69 -20.88 -9.59
C VAL B 218 -2.57 -20.05 -10.51
N GLU B 219 -3.83 -20.45 -10.61
CA GLU B 219 -4.76 -19.74 -11.48
C GLU B 219 -5.52 -18.64 -10.75
N LEU B 220 -5.50 -17.45 -11.36
CA LEU B 220 -6.21 -16.31 -10.80
C LEU B 220 -7.14 -15.78 -11.87
N GLU B 221 -7.92 -14.76 -11.54
CA GLU B 221 -8.86 -14.18 -12.50
C GLU B 221 -8.86 -12.67 -12.52
N ARG B 222 -9.02 -12.11 -13.71
CA ARG B 222 -9.11 -10.67 -13.88
C ARG B 222 -10.51 -10.29 -13.40
N ALA B 223 -10.77 -9.00 -13.24
CA ALA B 223 -12.08 -8.56 -12.78
C ALA B 223 -13.19 -9.23 -13.60
N ASN B 224 -13.06 -9.16 -14.93
CA ASN B 224 -14.02 -9.72 -15.86
C ASN B 224 -14.15 -11.23 -15.78
N GLY B 225 -13.32 -11.87 -14.94
CA GLY B 225 -13.39 -13.31 -14.80
C GLY B 225 -12.42 -14.09 -15.66
N LYS B 226 -11.66 -13.40 -16.50
CA LYS B 226 -10.71 -14.09 -17.37
C LYS B 226 -9.59 -14.70 -16.54
N LYS B 227 -9.42 -16.00 -16.68
CA LYS B 227 -8.40 -16.73 -15.95
C LYS B 227 -7.01 -16.63 -16.57
N TYR B 228 -6.02 -16.54 -15.69
CA TYR B 228 -4.61 -16.49 -16.08
C TYR B 228 -3.83 -17.24 -15.03
N TYR B 229 -2.58 -17.55 -15.32
CA TYR B 229 -1.77 -18.30 -14.37
C TYR B 229 -0.56 -17.56 -13.88
N VAL B 230 -0.30 -17.70 -12.59
CA VAL B 230 0.85 -17.10 -11.96
C VAL B 230 1.86 -18.23 -11.87
N THR B 231 3.03 -18.05 -12.47
CA THR B 231 4.05 -19.10 -12.44
C THR B 231 5.35 -18.65 -11.77
N ALA B 232 5.44 -17.38 -11.40
CA ALA B 232 6.63 -16.85 -10.73
C ALA B 232 6.26 -15.84 -9.64
N VAL B 233 7.09 -15.79 -8.60
CA VAL B 233 6.87 -14.88 -7.47
C VAL B 233 6.67 -13.41 -7.89
N ASP B 234 7.57 -12.91 -8.75
CA ASP B 234 7.51 -11.53 -9.20
C ASP B 234 6.17 -11.12 -9.84
N GLN B 235 5.46 -12.08 -10.42
CA GLN B 235 4.18 -11.79 -11.06
C GLN B 235 3.11 -11.34 -10.07
N VAL B 236 3.17 -11.88 -8.86
CA VAL B 236 2.15 -11.56 -7.86
C VAL B 236 2.70 -10.82 -6.64
N LYS B 237 4.02 -10.74 -6.52
CA LYS B 237 4.64 -10.10 -5.37
C LYS B 237 4.08 -8.73 -4.97
N PRO B 238 3.82 -7.84 -5.93
CA PRO B 238 3.29 -6.53 -5.53
C PRO B 238 1.86 -6.50 -4.96
N LYS B 239 1.14 -7.62 -5.04
CA LYS B 239 -0.24 -7.70 -4.53
C LYS B 239 -0.34 -8.31 -3.14
N ILE B 240 0.75 -8.89 -2.67
CA ILE B 240 0.78 -9.59 -1.39
C ILE B 240 1.54 -8.85 -0.29
N ALA B 241 0.91 -8.70 0.88
CA ALA B 241 1.55 -8.01 2.00
C ALA B 241 2.08 -9.03 3.02
N LEU B 242 1.39 -10.16 3.12
CA LEU B 242 1.74 -11.23 4.06
C LEU B 242 1.60 -12.61 3.44
N LEU B 243 2.53 -13.50 3.78
CA LEU B 243 2.49 -14.87 3.28
C LEU B 243 2.13 -15.82 4.41
N LYS B 244 1.28 -16.80 4.10
CA LYS B 244 0.90 -17.79 5.08
C LYS B 244 2.03 -18.83 5.08
N PHE B 245 2.30 -19.44 6.22
CA PHE B 245 3.31 -20.47 6.25
C PHE B 245 2.60 -21.80 6.07
N VAL B 246 2.64 -22.33 4.85
CA VAL B 246 2.00 -23.60 4.51
C VAL B 246 3.08 -24.66 4.34
N ASP B 247 2.97 -25.78 5.05
CA ASP B 247 3.97 -26.84 4.93
C ASP B 247 3.78 -27.76 3.75
N LYS B 248 2.53 -28.13 3.48
CA LYS B 248 2.23 -29.02 2.36
C LYS B 248 1.36 -28.30 1.33
N ASP B 249 1.31 -28.84 0.12
CA ASP B 249 0.52 -28.23 -0.95
C ASP B 249 -0.96 -28.21 -0.59
N PRO B 250 -1.57 -27.02 -0.55
CA PRO B 250 -2.99 -26.88 -0.23
C PRO B 250 -3.91 -27.11 -1.43
N LYS B 251 -5.13 -27.55 -1.15
CA LYS B 251 -6.13 -27.81 -2.19
C LYS B 251 -7.37 -28.44 -1.59
#